data_5JHU
#
_entry.id   5JHU
#
_cell.length_a   90.181
_cell.length_b   100.964
_cell.length_c   100.126
_cell.angle_alpha   90.000
_cell.angle_beta   90.000
_cell.angle_gamma   90.000
#
_symmetry.space_group_name_H-M   'C 2 2 21'
#
loop_
_entity.id
_entity.type
_entity.pdbx_description
1 polymer 'Methionine aminopeptidase 2'
2 non-polymer 'MANGANESE (II) ION'
3 non-polymer GLYCEROL
4 non-polymer 'DIMETHYL SULFOXIDE'
5 non-polymer '[(2R)-1-([1,2,4]triazolo[1,5-a]pyrimidin-7-yl)pyrrolidin-2-yl]methyl 2-methoxybenzoate'
6 water water
#
_entity_poly.entity_id   1
_entity_poly.type   'polypeptide(L)'
_entity_poly.pdbx_seq_one_letter_code
;KVQTDPPSVPICDLYPNGVFPKGQECEYPPTQDGRTAAWRTTSEEKKALDQASEEIWNDFREAAEAHRQVRKYVMSWIKP
GMTMIEICEKLEDCSRKLIKENGLNAGLAFPTGCSLNNCAAHYTPNAGDTTVLQYDDICKIDFGTHISGRIIDCAFTVTF
NPKYDTLLKAVKDATNTGIKCAGIDVRLCDVGEAIQEVMESYEVEIDGKTYQVKPIRNLNGHSIGQYRIHAGKTVPIVKG
GEATRMEEGEVYAIETFGSTGKGVVHDDMECSHYMKNFDVGHVPIRLPRTKHLLNVINENFGTLAFCRRWLDRLGESKYL
MALKNLCDLGIVDPYPPLCDIKGSYTAQFEHTILLRPTCKEVVSRGDDY
;
_entity_poly.pdbx_strand_id   A
#
loop_
_chem_comp.id
_chem_comp.type
_chem_comp.name
_chem_comp.formula
6KO non-polymer '[(2R)-1-([1,2,4]triazolo[1,5-a]pyrimidin-7-yl)pyrrolidin-2-yl]methyl 2-methoxybenzoate' 'C18 H19 N5 O3'
DMS non-polymer 'DIMETHYL SULFOXIDE' 'C2 H6 O S'
GOL non-polymer GLYCEROL 'C3 H8 O3'
MN non-polymer 'MANGANESE (II) ION' 'Mn 2'
#
# COMPACT_ATOMS: atom_id res chain seq x y z
N LYS A 1 7.85 20.68 -20.64
CA LYS A 1 7.84 20.43 -19.17
C LYS A 1 8.41 19.08 -18.76
N VAL A 2 9.60 19.11 -18.18
CA VAL A 2 10.27 17.88 -17.71
C VAL A 2 10.39 17.85 -16.18
N GLN A 3 10.56 16.66 -15.62
CA GLN A 3 10.68 16.50 -14.17
C GLN A 3 12.04 16.98 -13.69
N THR A 4 12.06 17.62 -12.51
CA THR A 4 13.31 18.08 -11.90
C THR A 4 13.99 16.96 -11.13
N ASP A 5 15.24 17.21 -10.71
CA ASP A 5 15.95 16.33 -9.80
C ASP A 5 16.53 17.19 -8.69
N PRO A 6 16.02 17.05 -7.43
CA PRO A 6 14.94 16.15 -6.98
C PRO A 6 13.60 16.47 -7.62
N PRO A 7 12.71 15.46 -7.76
CA PRO A 7 11.40 15.69 -8.37
C PRO A 7 10.58 16.75 -7.62
N SER A 8 10.01 17.71 -8.35
CA SER A 8 9.16 18.74 -7.74
C SER A 8 7.96 19.15 -8.60
N VAL A 9 8.01 18.82 -9.88
CA VAL A 9 6.91 19.14 -10.81
C VAL A 9 5.73 18.17 -10.66
N PRO A 10 4.51 18.70 -10.42
CA PRO A 10 3.32 17.83 -10.32
C PRO A 10 3.17 16.94 -11.56
N ILE A 11 2.78 15.69 -11.35
CA ILE A 11 2.47 14.80 -12.48
C ILE A 11 1.47 15.45 -13.46
N CYS A 12 0.50 16.19 -12.91
CA CYS A 12 -0.48 16.94 -13.70
C CYS A 12 0.17 17.86 -14.75
N ASP A 13 1.31 18.46 -14.38
CA ASP A 13 2.02 19.41 -15.25
C ASP A 13 2.94 18.74 -16.28
N LEU A 14 3.26 17.47 -16.05
CA LEU A 14 4.08 16.69 -16.98
C LEU A 14 3.24 16.13 -18.13
N TYR A 15 1.92 16.11 -17.95
CA TYR A 15 1.01 15.54 -18.95
C TYR A 15 -0.13 16.51 -19.28
N PRO A 16 0.15 17.49 -20.17
CA PRO A 16 -0.76 18.59 -20.51
C PRO A 16 -2.17 18.16 -20.96
N ASN A 17 -2.25 17.07 -21.72
CA ASN A 17 -3.55 16.60 -22.25
C ASN A 17 -4.45 15.91 -21.22
N GLY A 18 -3.94 15.71 -20.00
CA GLY A 18 -4.72 15.08 -18.94
C GLY A 18 -4.83 13.56 -19.06
N VAL A 19 -3.97 12.99 -19.90
CA VAL A 19 -3.93 11.53 -20.13
C VAL A 19 -2.61 10.98 -19.55
N PHE A 20 -2.74 10.08 -18.59
CA PHE A 20 -1.57 9.57 -17.86
C PHE A 20 -1.18 8.15 -18.29
N PRO A 21 0.11 7.79 -18.14
CA PRO A 21 0.63 6.51 -18.64
C PRO A 21 -0.11 5.29 -18.08
N LYS A 22 -0.46 4.35 -18.96
CA LYS A 22 -1.01 3.07 -18.50
C LYS A 22 0.07 2.26 -17.77
N GLY A 23 -0.35 1.42 -16.83
CA GLY A 23 0.57 0.45 -16.21
C GLY A 23 0.76 -0.74 -17.12
N GLN A 24 1.18 -1.88 -16.56
CA GLN A 24 1.36 -3.12 -17.34
C GLN A 24 0.01 -3.76 -17.65
N GLU A 25 -0.30 -3.93 -18.92
CA GLU A 25 -1.58 -4.50 -19.35
C GLU A 25 -1.42 -5.98 -19.68
N CYS A 26 -2.27 -6.82 -19.11
CA CYS A 26 -2.17 -8.27 -19.25
C CYS A 26 -3.52 -8.90 -19.64
N GLU A 27 -3.46 -9.91 -20.51
CA GLU A 27 -4.63 -10.75 -20.76
C GLU A 27 -4.97 -11.48 -19.47
N TYR A 28 -6.25 -11.73 -19.23
CA TYR A 28 -6.66 -12.51 -18.06
C TYR A 28 -6.20 -13.96 -18.22
N PRO A 29 -5.97 -14.68 -17.11
CA PRO A 29 -5.53 -16.08 -17.25
C PRO A 29 -6.62 -16.94 -17.89
N PRO A 30 -6.24 -18.08 -18.49
CA PRO A 30 -7.25 -19.00 -19.01
C PRO A 30 -8.24 -19.37 -17.91
N THR A 31 -9.49 -19.57 -18.28
CA THR A 31 -10.53 -19.99 -17.33
C THR A 31 -10.28 -21.43 -16.85
N GLN A 32 -11.03 -21.84 -15.84
CA GLN A 32 -10.89 -23.17 -15.24
C GLN A 32 -11.07 -24.33 -16.24
N ASP A 33 -11.77 -24.05 -17.34
CA ASP A 33 -11.97 -25.04 -18.41
C ASP A 33 -10.80 -25.12 -19.39
N GLY A 34 -9.93 -24.10 -19.38
CA GLY A 34 -8.75 -24.08 -20.24
C GLY A 34 -8.85 -23.16 -21.44
N ARG A 35 -10.02 -22.58 -21.67
CA ARG A 35 -10.26 -21.65 -22.78
C ARG A 35 -9.77 -20.25 -22.41
N THR A 36 -9.18 -19.56 -23.38
CA THR A 36 -8.60 -18.24 -23.12
C THR A 36 -9.64 -17.17 -22.84
N ALA A 37 -9.20 -16.15 -22.11
CA ALA A 37 -10.03 -15.01 -21.78
C ALA A 37 -9.65 -13.82 -22.65
N ALA A 38 -8.78 -14.08 -23.64
CA ALA A 38 -8.26 -13.05 -24.54
C ALA A 38 -9.35 -12.36 -25.38
N TRP A 39 -10.51 -13.00 -25.53
CA TRP A 39 -11.66 -12.41 -26.22
C TRP A 39 -12.09 -11.05 -25.63
N ARG A 40 -11.75 -10.83 -24.36
CA ARG A 40 -12.07 -9.56 -23.71
C ARG A 40 -11.38 -8.37 -24.37
N THR A 41 -10.15 -8.59 -24.86
CA THR A 41 -9.32 -7.54 -25.46
C THR A 41 -9.98 -6.93 -26.70
N THR A 42 -10.69 -7.77 -27.45
CA THR A 42 -11.20 -7.42 -28.75
C THR A 42 -12.72 -7.32 -28.76
N SER A 43 -13.36 -7.56 -27.62
CA SER A 43 -14.81 -7.46 -27.52
C SER A 43 -15.29 -6.01 -27.59
N GLU A 44 -16.22 -5.73 -28.50
CA GLU A 44 -16.71 -4.37 -28.67
C GLU A 44 -17.45 -3.85 -27.45
N GLU A 45 -18.21 -4.72 -26.80
CA GLU A 45 -18.94 -4.32 -25.60
C GLU A 45 -18.02 -4.12 -24.39
N LYS A 46 -17.00 -4.96 -24.25
CA LYS A 46 -16.01 -4.79 -23.18
C LYS A 46 -15.21 -3.50 -23.37
N LYS A 47 -14.84 -3.20 -24.62
CA LYS A 47 -14.16 -1.95 -24.97
C LYS A 47 -15.01 -0.73 -24.58
N ALA A 48 -16.32 -0.82 -24.83
CA ALA A 48 -17.25 0.27 -24.50
C ALA A 48 -17.37 0.46 -22.99
N LEU A 49 -17.53 -0.64 -22.26
CA LEU A 49 -17.57 -0.61 -20.79
C LEU A 49 -16.28 -0.04 -20.23
N ASP A 50 -15.15 -0.45 -20.79
CA ASP A 50 -13.84 0.02 -20.36
C ASP A 50 -13.72 1.53 -20.54
N GLN A 51 -14.10 2.02 -21.72
CA GLN A 51 -14.04 3.44 -22.05
C GLN A 51 -14.96 4.28 -21.16
N ALA A 52 -16.09 3.70 -20.76
CA ALA A 52 -17.05 4.39 -19.89
C ALA A 52 -16.45 4.73 -18.52
N SER A 53 -15.40 4.01 -18.14
CA SER A 53 -14.71 4.25 -16.87
C SER A 53 -13.31 4.84 -17.06
N GLU A 54 -13.02 5.33 -18.27
CA GLU A 54 -11.68 5.87 -18.59
C GLU A 54 -11.20 6.96 -17.62
N GLU A 55 -12.12 7.83 -17.22
CA GLU A 55 -11.86 8.88 -16.24
C GLU A 55 -11.29 8.31 -14.95
N ILE A 56 -11.88 7.21 -14.50
CA ILE A 56 -11.46 6.55 -13.28
C ILE A 56 -10.06 5.95 -13.44
N TRP A 57 -9.85 5.15 -14.50
CA TRP A 57 -8.54 4.52 -14.68
C TRP A 57 -7.47 5.59 -14.81
N ASN A 58 -7.84 6.70 -15.45
CA ASN A 58 -6.90 7.79 -15.67
C ASN A 58 -6.47 8.43 -14.34
N ASP A 59 -7.41 8.54 -13.39
CA ASP A 59 -7.08 8.97 -12.01
C ASP A 59 -6.10 8.02 -11.29
N PHE A 60 -6.36 6.72 -11.35
CA PHE A 60 -5.42 5.72 -10.80
C PHE A 60 -4.03 5.86 -11.43
N ARG A 61 -3.99 6.05 -12.75
CA ARG A 61 -2.73 6.18 -13.49
C ARG A 61 -1.93 7.41 -13.08
N GLU A 62 -2.62 8.54 -12.88
CA GLU A 62 -1.96 9.74 -12.38
C GLU A 62 -1.35 9.45 -11.02
N ALA A 63 -2.12 8.84 -10.13
CA ALA A 63 -1.63 8.50 -8.79
C ALA A 63 -0.46 7.49 -8.87
N ALA A 64 -0.51 6.58 -9.83
CA ALA A 64 0.55 5.56 -9.96
C ALA A 64 1.85 6.16 -10.49
N GLU A 65 1.73 7.15 -11.37
CA GLU A 65 2.92 7.83 -11.89
C GLU A 65 3.61 8.62 -10.77
N ALA A 66 2.83 9.30 -9.93
CA ALA A 66 3.39 9.92 -8.72
C ALA A 66 4.12 8.90 -7.86
N HIS A 67 3.48 7.76 -7.63
CA HIS A 67 4.07 6.68 -6.83
C HIS A 67 5.40 6.21 -7.42
N ARG A 68 5.45 5.98 -8.73
CA ARG A 68 6.71 5.56 -9.38
C ARG A 68 7.82 6.60 -9.22
N GLN A 69 7.50 7.87 -9.42
CA GLN A 69 8.53 8.91 -9.36
C GLN A 69 9.00 9.15 -7.92
N VAL A 70 8.06 9.08 -6.98
CA VAL A 70 8.43 9.21 -5.56
C VAL A 70 9.35 8.08 -5.12
N ARG A 71 8.99 6.83 -5.43
CA ARG A 71 9.77 5.70 -4.94
C ARG A 71 11.15 5.60 -5.59
N LYS A 72 11.26 6.01 -6.86
CA LYS A 72 12.58 6.05 -7.53
C LYS A 72 13.49 7.03 -6.81
N TYR A 73 12.94 8.17 -6.46
CA TYR A 73 13.63 9.20 -5.68
C TYR A 73 14.06 8.64 -4.32
N VAL A 74 13.12 8.04 -3.59
CA VAL A 74 13.42 7.44 -2.28
C VAL A 74 14.58 6.44 -2.38
N MET A 75 14.52 5.56 -3.38
CA MET A 75 15.56 4.52 -3.49
C MET A 75 16.95 5.12 -3.71
N SER A 76 16.99 6.31 -4.31
CA SER A 76 18.27 6.99 -4.56
C SER A 76 18.96 7.52 -3.29
N TRP A 77 18.19 7.85 -2.25
CA TRP A 77 18.82 8.44 -1.05
C TRP A 77 18.61 7.72 0.27
N ILE A 78 17.69 6.76 0.33
CA ILE A 78 17.45 6.10 1.61
C ILE A 78 18.72 5.36 2.06
N LYS A 79 19.22 5.69 3.25
CA LYS A 79 20.48 5.13 3.73
C LYS A 79 20.47 4.93 5.23
N PRO A 80 21.22 3.91 5.73
CA PRO A 80 21.35 3.82 7.19
C PRO A 80 21.95 5.12 7.70
N GLY A 81 21.57 5.52 8.92
CA GLY A 81 22.04 6.80 9.50
C GLY A 81 20.93 7.85 9.53
N MET A 82 20.02 7.77 8.57
CA MET A 82 18.85 8.64 8.56
C MET A 82 17.86 8.20 9.65
N THR A 83 17.21 9.15 10.31
CA THR A 83 16.13 8.80 11.22
C THR A 83 14.90 8.38 10.41
N MET A 84 14.04 7.58 11.02
CA MET A 84 12.79 7.19 10.36
C MET A 84 11.91 8.41 10.09
N ILE A 85 11.92 9.39 11.00
CA ILE A 85 11.17 10.63 10.77
C ILE A 85 11.69 11.37 9.52
N GLU A 86 13.01 11.51 9.40
CA GLU A 86 13.64 12.15 8.24
C GLU A 86 13.23 11.47 6.92
N ILE A 87 13.23 10.14 6.94
CA ILE A 87 12.87 9.36 5.77
C ILE A 87 11.40 9.62 5.39
N CYS A 88 10.51 9.51 6.37
CA CYS A 88 9.09 9.71 6.09
C CYS A 88 8.79 11.15 5.64
N GLU A 89 9.40 12.13 6.28
CA GLU A 89 9.15 13.52 5.89
C GLU A 89 9.67 13.85 4.48
N LYS A 90 10.85 13.35 4.14
CA LYS A 90 11.42 13.59 2.80
C LYS A 90 10.58 12.90 1.72
N LEU A 91 10.12 11.67 2.00
CA LEU A 91 9.22 10.97 1.07
C LEU A 91 7.90 11.73 0.92
N GLU A 92 7.31 12.12 2.04
CA GLU A 92 5.98 12.72 2.01
C GLU A 92 6.00 14.10 1.37
N ASP A 93 7.07 14.86 1.59
CA ASP A 93 7.18 16.18 0.97
C ASP A 93 7.15 16.04 -0.55
N CYS A 94 7.88 15.05 -1.06
CA CYS A 94 7.90 14.78 -2.50
C CYS A 94 6.53 14.31 -3.00
N SER A 95 5.90 13.39 -2.27
CA SER A 95 4.60 12.87 -2.65
C SER A 95 3.55 13.98 -2.75
N ARG A 96 3.51 14.88 -1.76
CA ARG A 96 2.58 16.01 -1.77
CA ARG A 96 2.57 16.01 -1.76
C ARG A 96 2.76 16.90 -3.00
N LYS A 97 4.02 17.15 -3.35
CA LYS A 97 4.33 17.98 -4.53
C LYS A 97 3.89 17.31 -5.83
N LEU A 98 4.24 16.03 -6.00
CA LEU A 98 3.98 15.34 -7.28
C LEU A 98 2.51 15.03 -7.46
N ILE A 99 1.80 14.76 -6.36
CA ILE A 99 0.36 14.48 -6.46
C ILE A 99 -0.45 15.78 -6.54
N LYS A 100 0.22 16.92 -6.35
CA LYS A 100 -0.42 18.24 -6.30
C LYS A 100 -1.56 18.22 -5.26
N GLU A 101 -1.17 17.96 -4.01
CA GLU A 101 -2.12 17.82 -2.92
C GLU A 101 -3.14 18.96 -2.89
N ASN A 102 -4.41 18.58 -2.82
CA ASN A 102 -5.54 19.52 -2.81
C ASN A 102 -6.69 18.96 -1.98
N GLY A 103 -6.62 19.17 -0.67
CA GLY A 103 -7.66 18.69 0.26
C GLY A 103 -7.96 17.22 0.02
N LEU A 104 -9.23 16.87 -0.04
CA LEU A 104 -9.62 15.48 -0.30
C LEU A 104 -9.68 15.10 -1.78
N ASN A 105 -9.37 16.05 -2.66
CA ASN A 105 -9.41 15.78 -4.10
C ASN A 105 -8.12 15.17 -4.70
N ALA A 106 -7.01 15.35 -4.02
CA ALA A 106 -5.72 14.75 -4.41
C ALA A 106 -4.84 14.78 -3.17
N GLY A 107 -4.05 13.74 -2.96
CA GLY A 107 -3.15 13.77 -1.80
C GLY A 107 -2.59 12.42 -1.43
N LEU A 108 -2.22 12.28 -0.16
CA LEU A 108 -1.63 11.05 0.35
C LEU A 108 -2.74 10.15 0.84
N ALA A 109 -2.74 8.89 0.39
CA ALA A 109 -3.86 7.98 0.66
C ALA A 109 -3.80 7.41 2.09
N PHE A 110 -2.59 7.31 2.63
CA PHE A 110 -2.35 6.77 3.98
C PHE A 110 -0.91 7.07 4.38
N PRO A 111 -0.59 6.97 5.69
CA PRO A 111 0.75 7.30 6.17
C PRO A 111 1.84 6.40 5.59
N THR A 112 3.06 6.92 5.53
CA THR A 112 4.23 6.15 5.09
C THR A 112 4.62 5.07 6.08
N GLY A 113 4.34 3.83 5.72
CA GLY A 113 4.85 2.71 6.49
C GLY A 113 6.34 2.60 6.24
N CYS A 114 7.10 2.33 7.30
CA CYS A 114 8.55 2.07 7.17
C CYS A 114 8.94 1.02 8.20
N SER A 115 8.07 0.02 8.32
CA SER A 115 8.18 -1.02 9.33
C SER A 115 9.50 -1.79 9.24
N LEU A 116 10.12 -2.00 10.40
CA LEU A 116 11.47 -2.57 10.47
C LEU A 116 11.54 -3.99 11.02
N ASN A 117 12.30 -4.84 10.33
CA ASN A 117 12.74 -6.14 10.85
C ASN A 117 11.59 -7.10 11.11
N ASN A 118 11.32 -7.45 12.35
CA ASN A 118 10.17 -8.34 12.65
C ASN A 118 8.83 -7.62 12.47
N CYS A 119 8.83 -6.29 12.48
CA CYS A 119 7.59 -5.57 12.23
CA CYS A 119 7.61 -5.51 12.22
C CYS A 119 7.34 -5.51 10.73
N ALA A 120 6.14 -5.95 10.35
CA ALA A 120 5.75 -6.12 8.95
C ALA A 120 4.98 -4.96 8.35
N ALA A 121 4.14 -4.32 9.15
CA ALA A 121 3.21 -3.29 8.63
C ALA A 121 2.79 -2.30 9.72
N HIS A 122 2.35 -1.10 9.29
CA HIS A 122 1.67 -0.10 10.13
C HIS A 122 2.54 0.57 11.18
N TYR A 123 3.86 0.52 11.00
CA TYR A 123 4.74 1.42 11.74
C TYR A 123 5.09 2.64 10.91
N THR A 124 4.82 3.82 11.48
CA THR A 124 5.44 5.08 11.05
C THR A 124 5.79 5.80 12.36
N PRO A 125 6.89 6.58 12.38
CA PRO A 125 7.23 7.24 13.63
C PRO A 125 6.22 8.29 14.07
N ASN A 126 6.00 8.39 15.38
CA ASN A 126 5.30 9.50 16.01
C ASN A 126 6.35 10.55 16.37
N ALA A 127 5.92 11.76 16.72
CA ALA A 127 6.84 12.81 17.18
C ALA A 127 7.76 12.31 18.29
N GLY A 128 9.03 12.71 18.25
CA GLY A 128 9.99 12.34 19.27
C GLY A 128 10.66 10.98 19.08
N ASP A 129 10.24 10.22 18.07
CA ASP A 129 10.80 8.90 17.80
C ASP A 129 12.22 9.09 17.28
N THR A 130 13.20 8.55 18.01
CA THR A 130 14.61 8.74 17.67
C THR A 130 15.19 7.60 16.84
N THR A 131 14.35 6.66 16.41
CA THR A 131 14.82 5.48 15.68
C THR A 131 15.59 5.87 14.42
N VAL A 132 16.76 5.26 14.26
CA VAL A 132 17.66 5.48 13.13
C VAL A 132 17.73 4.18 12.31
N LEU A 133 17.64 4.31 10.98
CA LEU A 133 17.76 3.17 10.08
C LEU A 133 19.17 2.58 10.16
N GLN A 134 19.27 1.26 10.32
CA GLN A 134 20.58 0.58 10.44
C GLN A 134 20.96 -0.24 9.20
N TYR A 135 22.25 -0.50 9.06
CA TYR A 135 22.77 -1.27 7.95
C TYR A 135 22.10 -2.65 7.82
N ASP A 136 21.85 -3.30 8.95
CA ASP A 136 21.22 -4.61 8.95
C ASP A 136 19.70 -4.60 8.96
N ASP A 137 19.08 -3.43 8.89
CA ASP A 137 17.61 -3.37 8.91
C ASP A 137 16.97 -3.85 7.59
N ILE A 138 15.79 -4.45 7.71
CA ILE A 138 14.96 -4.74 6.54
C ILE A 138 13.67 -3.92 6.70
N CYS A 139 13.52 -2.94 5.80
CA CYS A 139 12.53 -1.88 5.96
C CYS A 139 11.47 -1.92 4.87
N LYS A 140 10.19 -1.99 5.28
CA LYS A 140 9.11 -2.06 4.30
C LYS A 140 8.55 -0.66 4.06
N ILE A 141 8.79 -0.13 2.87
CA ILE A 141 8.27 1.22 2.50
C ILE A 141 6.93 1.00 1.79
N ASP A 142 5.86 1.39 2.47
CA ASP A 142 4.50 1.18 1.98
C ASP A 142 3.83 2.55 2.08
N PHE A 143 3.62 3.18 0.92
CA PHE A 143 3.02 4.51 0.89
C PHE A 143 1.98 4.56 -0.22
N GLY A 144 1.05 5.51 -0.10
CA GLY A 144 -0.11 5.56 -0.96
C GLY A 144 -0.37 6.97 -1.44
N THR A 145 -0.88 7.06 -2.67
CA THR A 145 -1.27 8.33 -3.27
C THR A 145 -2.69 8.12 -3.78
N HIS A 146 -3.43 9.22 -3.97
CA HIS A 146 -4.76 9.13 -4.56
C HIS A 146 -5.09 10.39 -5.35
N ILE A 147 -5.96 10.21 -6.34
CA ILE A 147 -6.62 11.29 -7.07
C ILE A 147 -8.10 10.96 -6.99
N SER A 148 -8.88 11.89 -6.46
CA SER A 148 -10.33 11.73 -6.31
C SER A 148 -10.69 10.43 -5.57
N GLY A 149 -9.85 10.05 -4.62
CA GLY A 149 -10.09 8.85 -3.83
C GLY A 149 -9.81 7.54 -4.55
N ARG A 150 -9.16 7.63 -5.73
CA ARG A 150 -8.71 6.45 -6.45
C ARG A 150 -7.29 6.19 -5.93
N ILE A 151 -7.16 5.13 -5.13
CA ILE A 151 -5.98 4.90 -4.28
C ILE A 151 -4.96 3.97 -4.93
N ILE A 152 -3.68 4.37 -4.94
CA ILE A 152 -2.59 3.44 -5.25
C ILE A 152 -1.97 2.97 -3.93
N ASP A 153 -2.04 1.67 -3.70
CA ASP A 153 -1.46 0.99 -2.54
C ASP A 153 -0.32 0.13 -3.08
N CYS A 154 0.91 0.52 -2.80
CA CYS A 154 2.05 -0.10 -3.46
C CYS A 154 3.27 0.01 -2.54
N ALA A 155 4.04 -1.07 -2.45
CA ALA A 155 5.09 -1.21 -1.44
C ALA A 155 6.24 -2.08 -1.88
N PHE A 156 7.43 -1.79 -1.33
CA PHE A 156 8.63 -2.54 -1.63
C PHE A 156 9.47 -2.61 -0.36
N THR A 157 10.49 -3.47 -0.38
CA THR A 157 11.36 -3.64 0.80
C THR A 157 12.76 -3.14 0.48
N VAL A 158 13.34 -2.43 1.44
CA VAL A 158 14.67 -1.83 1.35
C VAL A 158 15.60 -2.59 2.27
N THR A 159 16.77 -2.97 1.75
CA THR A 159 17.84 -3.56 2.57
C THR A 159 19.18 -3.00 2.12
N PHE A 160 20.21 -3.20 2.93
CA PHE A 160 21.58 -2.79 2.58
C PHE A 160 22.56 -3.95 2.67
N ASN A 161 22.15 -4.99 3.40
CA ASN A 161 22.98 -6.18 3.59
C ASN A 161 22.49 -7.26 2.63
N PRO A 162 23.37 -7.75 1.73
CA PRO A 162 22.95 -8.78 0.77
C PRO A 162 22.40 -10.07 1.39
N LYS A 163 22.56 -10.26 2.70
CA LYS A 163 22.08 -11.50 3.35
C LYS A 163 20.57 -11.74 3.19
N TYR A 164 19.81 -10.68 2.96
CA TYR A 164 18.36 -10.81 2.77
C TYR A 164 17.96 -11.01 1.31
N ASP A 165 18.93 -11.08 0.39
CA ASP A 165 18.56 -11.07 -1.04
C ASP A 165 17.56 -12.16 -1.43
N THR A 166 17.75 -13.37 -0.92
CA THR A 166 16.86 -14.48 -1.32
CA THR A 166 16.86 -14.48 -1.32
C THR A 166 15.48 -14.37 -0.67
N LEU A 167 15.43 -13.83 0.56
CA LEU A 167 14.14 -13.53 1.20
C LEU A 167 13.34 -12.54 0.32
N LEU A 168 14.00 -11.49 -0.15
CA LEU A 168 13.36 -10.49 -1.01
C LEU A 168 12.88 -11.14 -2.31
N LYS A 169 13.73 -11.95 -2.91
CA LYS A 169 13.40 -12.66 -4.15
C LYS A 169 12.14 -13.50 -3.99
N ALA A 170 12.06 -14.21 -2.87
CA ALA A 170 10.93 -15.11 -2.58
C ALA A 170 9.62 -14.34 -2.53
N VAL A 171 9.62 -13.21 -1.82
CA VAL A 171 8.41 -12.41 -1.68
C VAL A 171 8.00 -11.74 -3.00
N LYS A 172 9.00 -11.24 -3.74
CA LYS A 172 8.74 -10.63 -5.04
C LYS A 172 8.10 -11.66 -5.98
N ASP A 173 8.63 -12.88 -5.98
CA ASP A 173 8.13 -13.95 -6.84
C ASP A 173 6.70 -14.31 -6.43
N ALA A 174 6.47 -14.42 -5.13
CA ALA A 174 5.13 -14.72 -4.61
C ALA A 174 4.11 -13.63 -4.98
N THR A 175 4.49 -12.37 -4.83
CA THR A 175 3.59 -11.28 -5.21
C THR A 175 3.29 -11.30 -6.72
N ASN A 176 4.32 -11.48 -7.53
CA ASN A 176 4.12 -11.56 -8.98
C ASN A 176 3.25 -12.74 -9.40
N THR A 177 3.35 -13.83 -8.64
CA THR A 177 2.54 -15.02 -8.90
C THR A 177 1.08 -14.72 -8.58
N GLY A 178 0.85 -14.01 -7.47
CA GLY A 178 -0.50 -13.56 -7.10
C GLY A 178 -1.12 -12.68 -8.16
N ILE A 179 -0.33 -11.76 -8.69
CA ILE A 179 -0.77 -10.85 -9.75
C ILE A 179 -1.13 -11.63 -11.02
N LYS A 180 -0.30 -12.61 -11.37
CA LYS A 180 -0.52 -13.45 -12.57
C LYS A 180 -1.82 -14.28 -12.44
N CYS A 181 -2.08 -14.75 -11.24
CA CYS A 181 -3.23 -15.62 -10.95
CA CYS A 181 -3.24 -15.61 -11.00
C CYS A 181 -4.55 -14.85 -10.90
N ALA A 182 -4.48 -13.57 -10.55
CA ALA A 182 -5.68 -12.74 -10.40
C ALA A 182 -6.47 -12.59 -11.70
N GLY A 183 -7.78 -12.47 -11.59
CA GLY A 183 -8.61 -12.29 -12.77
C GLY A 183 -10.08 -12.25 -12.44
N ILE A 184 -10.87 -11.73 -13.38
CA ILE A 184 -12.32 -11.71 -13.21
C ILE A 184 -12.79 -13.15 -13.08
N ASP A 185 -13.65 -13.40 -12.10
CA ASP A 185 -14.23 -14.72 -11.81
C ASP A 185 -13.28 -15.69 -11.10
N VAL A 186 -12.03 -15.29 -10.89
CA VAL A 186 -11.09 -16.13 -10.13
C VAL A 186 -11.44 -16.07 -8.64
N ARG A 187 -11.47 -17.22 -7.98
CA ARG A 187 -11.72 -17.30 -6.54
C ARG A 187 -10.54 -16.71 -5.79
N LEU A 188 -10.84 -15.86 -4.80
CA LEU A 188 -9.81 -15.24 -3.97
C LEU A 188 -8.89 -16.27 -3.29
N CYS A 189 -9.46 -17.41 -2.89
CA CYS A 189 -8.70 -18.50 -2.26
C CYS A 189 -7.64 -19.11 -3.18
N ASP A 190 -7.95 -19.18 -4.48
CA ASP A 190 -7.00 -19.73 -5.46
C ASP A 190 -5.80 -18.80 -5.68
N VAL A 191 -6.01 -17.50 -5.59
CA VAL A 191 -4.90 -16.55 -5.65
C VAL A 191 -3.99 -16.75 -4.43
N GLY A 192 -4.60 -16.88 -3.25
CA GLY A 192 -3.86 -17.15 -2.01
C GLY A 192 -3.07 -18.44 -2.02
N GLU A 193 -3.67 -19.51 -2.55
CA GLU A 193 -2.99 -20.79 -2.62
C GLU A 193 -1.76 -20.71 -3.52
N ALA A 194 -1.86 -19.97 -4.62
CA ALA A 194 -0.75 -19.84 -5.57
C ALA A 194 0.41 -19.10 -4.93
N ILE A 195 0.07 -18.03 -4.19
CA ILE A 195 1.07 -17.26 -3.43
C ILE A 195 1.82 -18.14 -2.42
N GLN A 196 1.07 -18.91 -1.63
CA GLN A 196 1.68 -19.76 -0.62
C GLN A 196 2.64 -20.79 -1.23
N GLU A 197 2.20 -21.45 -2.31
CA GLU A 197 3.02 -22.47 -2.95
C GLU A 197 4.37 -21.90 -3.38
N VAL A 198 4.35 -20.74 -4.02
CA VAL A 198 5.60 -20.12 -4.50
C VAL A 198 6.48 -19.70 -3.33
N MET A 199 5.90 -19.03 -2.34
CA MET A 199 6.72 -18.52 -1.26
CA MET A 199 6.64 -18.52 -1.18
C MET A 199 7.39 -19.64 -0.48
N GLU A 200 6.69 -20.75 -0.26
CA GLU A 200 7.23 -21.88 0.48
C GLU A 200 8.26 -22.73 -0.30
N SER A 201 8.44 -22.43 -1.58
CA SER A 201 9.43 -23.14 -2.39
C SER A 201 10.84 -22.60 -2.15
N TYR A 202 10.93 -21.50 -1.39
CA TYR A 202 12.23 -20.88 -1.10
C TYR A 202 12.77 -21.23 0.28
N GLU A 203 14.05 -21.63 0.33
CA GLU A 203 14.77 -21.76 1.59
C GLU A 203 15.84 -20.69 1.62
N VAL A 204 16.05 -20.07 2.77
CA VAL A 204 17.03 -18.98 2.87
C VAL A 204 17.97 -19.24 4.03
N GLU A 205 19.16 -18.65 3.99
CA GLU A 205 20.11 -18.75 5.08
C GLU A 205 20.49 -17.33 5.49
N ILE A 206 20.32 -17.02 6.76
CA ILE A 206 20.60 -15.68 7.29
C ILE A 206 21.35 -15.87 8.59
N ASP A 207 22.56 -15.31 8.64
CA ASP A 207 23.48 -15.47 9.78
C ASP A 207 23.61 -16.92 10.30
N GLY A 208 23.79 -17.84 9.35
CA GLY A 208 24.07 -19.23 9.68
C GLY A 208 22.85 -20.07 10.03
N LYS A 209 21.67 -19.46 10.03
CA LYS A 209 20.43 -20.19 10.29
CA LYS A 209 20.44 -20.21 10.28
C LYS A 209 19.64 -20.34 9.00
N THR A 210 19.01 -21.49 8.81
CA THR A 210 18.21 -21.71 7.61
C THR A 210 16.72 -21.63 7.93
N TYR A 211 15.94 -21.20 6.94
CA TYR A 211 14.50 -21.09 7.09
C TYR A 211 13.83 -21.41 5.76
N GLN A 212 12.67 -22.06 5.82
CA GLN A 212 11.73 -22.06 4.69
C GLN A 212 10.83 -20.84 4.85
N VAL A 213 10.77 -19.99 3.83
CA VAL A 213 10.03 -18.73 3.92
C VAL A 213 8.53 -19.01 4.15
N LYS A 214 7.94 -18.30 5.11
CA LYS A 214 6.52 -18.44 5.44
C LYS A 214 5.73 -17.19 5.02
N PRO A 215 4.61 -17.38 4.29
CA PRO A 215 3.72 -16.23 4.10
C PRO A 215 3.08 -15.86 5.43
N ILE A 216 2.90 -14.57 5.69
CA ILE A 216 2.24 -14.15 6.92
C ILE A 216 0.75 -14.36 6.68
N ARG A 217 0.15 -15.30 7.42
CA ARG A 217 -1.20 -15.77 7.09
C ARG A 217 -2.32 -14.79 7.46
N ASN A 218 -2.03 -13.84 8.35
CA ASN A 218 -3.02 -12.82 8.69
C ASN A 218 -2.72 -11.42 8.14
N LEU A 219 -1.92 -11.35 7.07
CA LEU A 219 -1.69 -10.11 6.32
C LEU A 219 -1.94 -10.30 4.84
N ASN A 220 -3.08 -9.81 4.38
CA ASN A 220 -3.66 -10.23 3.11
C ASN A 220 -3.84 -9.09 2.13
N GLY A 221 -3.81 -9.42 0.83
CA GLY A 221 -4.30 -8.51 -0.20
C GLY A 221 -5.80 -8.25 0.00
N HIS A 222 -6.32 -7.25 -0.71
CA HIS A 222 -7.67 -6.77 -0.40
C HIS A 222 -8.21 -5.96 -1.55
N SER A 223 -9.53 -5.89 -1.66
CA SER A 223 -10.14 -4.97 -2.60
C SER A 223 -9.99 -3.53 -2.10
N ILE A 224 -10.06 -2.59 -3.03
CA ILE A 224 -9.89 -1.16 -2.78
C ILE A 224 -11.12 -0.47 -3.37
N GLY A 225 -11.70 0.46 -2.62
CA GLY A 225 -12.88 1.21 -3.05
C GLY A 225 -12.57 2.69 -2.97
N GLN A 226 -13.50 3.53 -3.43
CA GLN A 226 -13.23 4.96 -3.43
C GLN A 226 -13.09 5.48 -2.00
N TYR A 227 -11.95 6.11 -1.71
CA TYR A 227 -11.62 6.59 -0.36
C TYR A 227 -11.62 5.47 0.69
N ARG A 228 -11.52 4.22 0.24
CA ARG A 228 -11.64 3.05 1.11
C ARG A 228 -10.51 2.06 0.80
N ILE A 229 -9.43 2.14 1.57
CA ILE A 229 -8.23 1.30 1.35
C ILE A 229 -8.55 -0.19 1.42
N HIS A 230 -9.43 -0.56 2.35
CA HIS A 230 -9.88 -1.94 2.47
CA HIS A 230 -9.90 -1.94 2.52
C HIS A 230 -11.39 -2.00 2.22
N ALA A 231 -11.77 -2.40 0.99
CA ALA A 231 -13.19 -2.37 0.60
C ALA A 231 -14.00 -3.61 0.99
N GLY A 232 -13.39 -4.56 1.69
CA GLY A 232 -14.15 -5.68 2.27
C GLY A 232 -13.90 -7.07 1.72
N LYS A 233 -13.29 -7.19 0.54
CA LYS A 233 -12.85 -8.49 0.06
C LYS A 233 -11.39 -8.68 0.43
N THR A 234 -11.04 -9.88 0.92
CA THR A 234 -9.64 -10.17 1.27
C THR A 234 -9.12 -11.32 0.42
N VAL A 235 -7.82 -11.27 0.11
CA VAL A 235 -7.16 -12.37 -0.61
C VAL A 235 -6.53 -13.35 0.40
N PRO A 236 -7.21 -14.48 0.71
CA PRO A 236 -6.75 -15.35 1.78
C PRO A 236 -5.75 -16.40 1.30
N THR A 244 -15.40 -16.79 -2.42
CA THR A 244 -15.79 -15.57 -3.13
C THR A 244 -14.84 -15.25 -4.30
N ARG A 245 -15.36 -14.58 -5.31
CA ARG A 245 -14.63 -14.33 -6.55
C ARG A 245 -14.31 -12.86 -6.77
N MET A 246 -13.27 -12.61 -7.57
CA MET A 246 -13.00 -11.28 -8.07
C MET A 246 -14.02 -10.94 -9.17
N GLU A 247 -14.37 -9.66 -9.29
CA GLU A 247 -15.41 -9.25 -10.22
C GLU A 247 -14.91 -8.14 -11.16
N GLU A 248 -15.52 -8.08 -12.34
CA GLU A 248 -15.21 -7.05 -13.32
C GLU A 248 -15.34 -5.66 -12.73
N GLY A 249 -14.33 -4.81 -12.97
CA GLY A 249 -14.37 -3.45 -12.49
C GLY A 249 -13.80 -3.24 -11.10
N GLU A 250 -13.52 -4.32 -10.37
CA GLU A 250 -12.91 -4.19 -9.04
C GLU A 250 -11.43 -3.79 -9.11
N VAL A 251 -10.92 -3.30 -7.99
CA VAL A 251 -9.52 -2.92 -7.87
C VAL A 251 -8.98 -3.65 -6.63
N TYR A 252 -7.79 -4.25 -6.78
CA TYR A 252 -7.17 -5.00 -5.69
C TYR A 252 -5.76 -4.53 -5.40
N ALA A 253 -5.41 -4.56 -4.11
CA ALA A 253 -4.00 -4.55 -3.74
C ALA A 253 -3.58 -6.03 -3.61
N ILE A 254 -2.65 -6.46 -4.46
CA ILE A 254 -2.09 -7.81 -4.34
C ILE A 254 -0.77 -7.65 -3.60
N GLU A 255 -0.73 -8.20 -2.39
CA GLU A 255 0.47 -8.05 -1.58
C GLU A 255 0.77 -9.35 -0.89
N THR A 256 2.05 -9.58 -0.64
CA THR A 256 2.46 -10.74 0.12
C THR A 256 3.53 -10.30 1.10
N PHE A 257 3.59 -11.02 2.20
CA PHE A 257 4.61 -10.78 3.21
C PHE A 257 5.25 -12.12 3.48
N GLY A 258 6.59 -12.17 3.44
CA GLY A 258 7.34 -13.38 3.79
C GLY A 258 8.01 -13.18 5.12
N SER A 259 8.11 -14.25 5.91
CA SER A 259 8.67 -14.16 7.25
C SER A 259 9.55 -15.36 7.60
N THR A 260 10.62 -15.09 8.35
CA THR A 260 11.45 -16.14 8.95
C THR A 260 10.95 -16.50 10.36
N GLY A 261 9.87 -15.84 10.79
CA GLY A 261 9.32 -16.05 12.13
C GLY A 261 8.21 -17.08 12.17
N LYS A 262 7.16 -16.78 12.91
CA LYS A 262 6.03 -17.71 13.05
C LYS A 262 5.08 -17.65 11.84
N GLY A 263 5.15 -16.57 11.06
CA GLY A 263 4.21 -16.36 9.94
C GLY A 263 2.84 -15.86 10.37
N VAL A 264 2.79 -15.27 11.57
CA VAL A 264 1.61 -14.61 12.13
C VAL A 264 2.08 -13.31 12.79
N VAL A 265 1.31 -12.24 12.63
CA VAL A 265 1.62 -10.96 13.29
C VAL A 265 0.68 -10.67 14.46
N HIS A 266 1.18 -9.89 15.42
CA HIS A 266 0.39 -9.44 16.58
C HIS A 266 0.59 -7.93 16.75
N ASP A 267 -0.36 -7.26 17.40
CA ASP A 267 -0.22 -5.81 17.67
C ASP A 267 0.95 -5.56 18.59
N ASP A 268 1.79 -4.57 18.27
CA ASP A 268 2.92 -4.28 19.14
C ASP A 268 3.37 -2.84 19.01
N MET A 269 3.93 -2.30 20.09
CA MET A 269 4.53 -0.96 20.09
C MET A 269 3.46 0.13 20.11
N GLU A 270 3.91 1.38 20.09
CA GLU A 270 3.03 2.53 20.12
C GLU A 270 2.23 2.58 18.83
N CYS A 271 0.96 2.96 18.91
CA CYS A 271 0.16 3.13 17.71
C CYS A 271 0.45 4.49 17.06
N SER A 272 0.58 4.49 15.73
CA SER A 272 0.74 5.71 14.93
C SER A 272 -0.40 5.95 13.94
N HIS A 273 -1.03 4.86 13.47
CA HIS A 273 -2.00 4.89 12.37
C HIS A 273 -3.43 4.79 12.88
N TYR A 274 -4.33 5.56 12.29
CA TYR A 274 -5.75 5.62 12.67
C TYR A 274 -6.56 5.84 11.41
N MET A 275 -7.83 5.45 11.44
CA MET A 275 -8.68 5.67 10.28
C MET A 275 -10.14 5.62 10.73
N LYS A 276 -10.94 6.59 10.27
CA LYS A 276 -12.38 6.57 10.55
C LYS A 276 -13.02 5.29 10.06
N ASN A 277 -13.92 4.72 10.85
CA ASN A 277 -14.73 3.58 10.41
C ASN A 277 -15.60 4.04 9.26
N PHE A 278 -15.43 3.42 8.10
CA PHE A 278 -16.14 3.81 6.88
C PHE A 278 -17.66 3.77 7.06
N ASP A 279 -18.14 2.85 7.89
CA ASP A 279 -19.57 2.62 8.10
C ASP A 279 -20.21 3.42 9.24
N VAL A 280 -19.44 4.30 9.88
CA VAL A 280 -19.99 5.19 10.92
C VAL A 280 -20.46 6.50 10.29
N GLY A 281 -21.69 6.89 10.59
CA GLY A 281 -22.27 8.13 10.07
C GLY A 281 -22.00 9.31 10.97
N HIS A 282 -22.89 10.30 10.96
CA HIS A 282 -22.77 11.44 11.84
C HIS A 282 -23.07 11.06 13.28
N VAL A 283 -22.15 11.45 14.18
CA VAL A 283 -22.31 11.26 15.62
C VAL A 283 -22.10 12.63 16.26
N PRO A 284 -23.15 13.19 16.90
CA PRO A 284 -22.98 14.49 17.56
C PRO A 284 -22.04 14.37 18.75
N ILE A 285 -21.08 15.28 18.85
CA ILE A 285 -20.16 15.30 19.98
C ILE A 285 -20.10 16.70 20.58
N ARG A 286 -20.30 16.77 21.90
CA ARG A 286 -20.23 18.04 22.64
C ARG A 286 -18.86 18.29 23.28
N LEU A 287 -18.17 17.23 23.71
CA LEU A 287 -16.85 17.40 24.38
C LEU A 287 -15.95 18.20 23.44
N PRO A 288 -15.48 19.39 23.89
CA PRO A 288 -14.90 20.32 22.90
C PRO A 288 -13.64 19.85 22.16
N ARG A 289 -12.69 19.22 22.86
CA ARG A 289 -11.44 18.81 22.20
C ARG A 289 -11.70 17.63 21.27
N THR A 290 -12.58 16.74 21.72
CA THR A 290 -13.00 15.59 20.90
C THR A 290 -13.79 16.03 19.65
N LYS A 291 -14.69 17.00 19.83
CA LYS A 291 -15.47 17.56 18.72
C LYS A 291 -14.53 18.21 17.71
N HIS A 292 -13.59 19.01 18.20
CA HIS A 292 -12.64 19.69 17.32
C HIS A 292 -11.80 18.70 16.51
N LEU A 293 -11.28 17.67 17.20
CA LEU A 293 -10.46 16.66 16.53
C LEU A 293 -11.24 15.94 15.45
N LEU A 294 -12.48 15.57 15.73
CA LEU A 294 -13.28 14.89 14.71
C LEU A 294 -13.48 15.78 13.49
N ASN A 295 -13.73 17.07 13.72
CA ASN A 295 -13.87 18.03 12.63
C ASN A 295 -12.60 18.11 11.78
N VAL A 296 -11.45 18.16 12.45
CA VAL A 296 -10.15 18.17 11.77
C VAL A 296 -10.00 16.92 10.88
N ILE A 297 -10.34 15.77 11.44
CA ILE A 297 -10.24 14.50 10.73
C ILE A 297 -11.19 14.50 9.52
N ASN A 298 -12.45 14.90 9.73
CA ASN A 298 -13.42 14.95 8.63
C ASN A 298 -12.98 15.88 7.48
N GLU A 299 -12.41 17.03 7.84
CA GLU A 299 -11.97 18.01 6.83
C GLU A 299 -10.73 17.56 6.08
N ASN A 300 -9.79 16.96 6.80
CA ASN A 300 -8.48 16.67 6.22
C ASN A 300 -8.29 15.26 5.67
N PHE A 301 -8.98 14.28 6.24
CA PHE A 301 -8.74 12.87 5.91
C PHE A 301 -10.00 12.15 5.44
N GLY A 302 -11.16 12.56 5.93
CA GLY A 302 -12.39 11.83 5.62
C GLY A 302 -12.20 10.38 6.08
N THR A 303 -12.40 9.43 5.17
CA THR A 303 -12.21 8.02 5.51
C THR A 303 -10.82 7.46 5.16
N LEU A 304 -9.90 8.34 4.75
CA LEU A 304 -8.50 7.93 4.49
C LEU A 304 -7.76 7.79 5.82
N ALA A 305 -6.82 6.84 5.89
CA ALA A 305 -5.99 6.68 7.10
C ALA A 305 -5.08 7.89 7.32
N PHE A 306 -4.75 8.17 8.58
CA PHE A 306 -3.87 9.27 8.95
C PHE A 306 -2.97 8.78 10.08
N CYS A 307 -2.01 9.61 10.45
CA CYS A 307 -1.15 9.30 11.57
C CYS A 307 -1.03 10.52 12.49
N ARG A 308 -0.42 10.33 13.65
CA ARG A 308 -0.23 11.41 14.61
C ARG A 308 0.62 12.54 14.07
N ARG A 309 1.66 12.21 13.30
CA ARG A 309 2.54 13.25 12.72
C ARG A 309 1.73 14.19 11.83
N TRP A 310 0.73 13.63 11.16
CA TRP A 310 -0.12 14.44 10.28
C TRP A 310 -1.08 15.37 11.05
N LEU A 311 -1.48 14.97 12.25
CA LEU A 311 -2.17 15.89 13.16
C LEU A 311 -1.21 16.98 13.67
N ASP A 312 0.00 16.60 14.06
CA ASP A 312 1.00 17.60 14.51
C ASP A 312 1.23 18.67 13.44
N ARG A 313 1.37 18.25 12.18
CA ARG A 313 1.71 19.21 11.12
C ARG A 313 0.57 20.19 10.83
N LEU A 314 -0.66 19.81 11.18
CA LEU A 314 -1.83 20.69 11.08
C LEU A 314 -1.92 21.65 12.27
N GLY A 315 -0.97 21.54 13.19
CA GLY A 315 -0.91 22.42 14.35
C GLY A 315 -1.78 21.97 15.51
N GLU A 316 -2.24 20.73 15.47
CA GLU A 316 -2.97 20.18 16.59
C GLU A 316 -2.02 19.77 17.71
N SER A 317 -2.44 20.01 18.95
CA SER A 317 -1.71 19.53 20.12
C SER A 317 -2.68 19.10 21.21
N LYS A 318 -2.18 18.34 22.20
CA LYS A 318 -2.99 17.84 23.31
C LYS A 318 -4.25 17.14 22.80
N TYR A 319 -4.07 16.22 21.85
CA TYR A 319 -5.21 15.61 21.20
C TYR A 319 -5.31 14.13 21.55
N LEU A 320 -4.34 13.61 22.31
CA LEU A 320 -4.31 12.16 22.53
C LEU A 320 -5.55 11.65 23.24
N MET A 321 -6.02 12.37 24.25
CA MET A 321 -7.23 11.94 24.94
C MET A 321 -8.44 12.03 24.00
N ALA A 322 -8.52 13.11 23.25
CA ALA A 322 -9.56 13.26 22.23
C ALA A 322 -9.55 12.10 21.22
N LEU A 323 -8.35 11.73 20.78
CA LEU A 323 -8.20 10.61 19.82
C LEU A 323 -8.63 9.27 20.47
N LYS A 324 -8.21 9.04 21.71
CA LYS A 324 -8.70 7.87 22.46
C LYS A 324 -10.23 7.84 22.55
N ASN A 325 -10.84 8.99 22.87
CA ASN A 325 -12.31 9.10 22.91
C ASN A 325 -12.97 8.67 21.59
N LEU A 326 -12.45 9.14 20.47
CA LEU A 326 -12.98 8.76 19.15
C LEU A 326 -12.83 7.26 18.88
N CYS A 327 -11.70 6.68 19.32
CA CYS A 327 -11.49 5.23 19.23
C CYS A 327 -12.48 4.47 20.12
N ASP A 328 -12.63 4.91 21.36
CA ASP A 328 -13.58 4.27 22.29
C ASP A 328 -15.02 4.35 21.82
N LEU A 329 -15.37 5.45 21.14
CA LEU A 329 -16.71 5.61 20.58
C LEU A 329 -16.93 4.80 19.30
N GLY A 330 -15.86 4.21 18.76
CA GLY A 330 -15.96 3.43 17.52
C GLY A 330 -15.99 4.25 16.25
N ILE A 331 -15.80 5.56 16.38
CA ILE A 331 -15.79 6.47 15.24
C ILE A 331 -14.49 6.33 14.45
N VAL A 332 -13.39 6.23 15.19
CA VAL A 332 -12.06 6.00 14.62
C VAL A 332 -11.54 4.64 15.12
N ASP A 333 -10.84 3.92 14.24
CA ASP A 333 -10.14 2.69 14.63
C ASP A 333 -8.62 2.90 14.64
N PRO A 334 -7.95 2.38 15.68
CA PRO A 334 -6.49 2.39 15.72
C PRO A 334 -5.94 1.21 14.92
N TYR A 335 -4.79 1.42 14.27
CA TYR A 335 -4.10 0.34 13.52
C TYR A 335 -2.64 0.24 13.98
N PRO A 336 -2.41 -0.45 15.12
CA PRO A 336 -1.04 -0.53 15.66
C PRO A 336 -0.09 -1.34 14.76
N PRO A 337 1.22 -1.16 14.94
CA PRO A 337 2.18 -1.95 14.17
C PRO A 337 1.94 -3.44 14.35
N LEU A 338 2.13 -4.20 13.27
CA LEU A 338 1.86 -5.63 13.27
C LEU A 338 3.21 -6.33 13.10
N CYS A 339 3.59 -7.10 14.11
CA CYS A 339 4.94 -7.67 14.15
C CYS A 339 4.93 -9.18 14.38
N ASP A 340 5.87 -9.87 13.75
CA ASP A 340 6.16 -11.28 14.02
C ASP A 340 7.09 -11.34 15.24
N ILE A 341 7.55 -12.53 15.61
CA ILE A 341 8.33 -12.72 16.83
C ILE A 341 9.66 -11.94 16.83
N LYS A 342 10.13 -11.54 18.01
CA LYS A 342 11.45 -10.91 18.16
C LYS A 342 12.52 -11.73 17.44
N GLY A 343 13.35 -11.04 16.64
CA GLY A 343 14.44 -11.68 15.95
C GLY A 343 14.11 -12.21 14.56
N SER A 344 12.84 -12.17 14.18
CA SER A 344 12.44 -12.63 12.84
C SER A 344 12.60 -11.51 11.81
N TYR A 345 12.60 -11.88 10.52
CA TYR A 345 12.70 -10.90 9.44
C TYR A 345 11.49 -11.00 8.55
N THR A 346 10.94 -9.85 8.18
CA THR A 346 9.77 -9.83 7.30
C THR A 346 10.03 -8.95 6.08
N ALA A 347 9.48 -9.34 4.93
CA ALA A 347 9.60 -8.59 3.68
C ALA A 347 8.25 -8.51 3.00
N GLN A 348 8.05 -7.46 2.20
CA GLN A 348 6.78 -7.18 1.52
C GLN A 348 7.00 -6.61 0.12
N PHE A 349 6.17 -7.06 -0.83
CA PHE A 349 5.98 -6.36 -2.09
C PHE A 349 4.48 -6.29 -2.39
N GLU A 350 4.06 -5.18 -2.98
CA GLU A 350 2.65 -4.94 -3.19
C GLU A 350 2.42 -4.09 -4.44
N HIS A 351 1.40 -4.45 -5.22
CA HIS A 351 0.94 -3.63 -6.33
C HIS A 351 -0.57 -3.45 -6.29
N THR A 352 -1.05 -2.38 -6.93
CA THR A 352 -2.48 -2.19 -7.19
C THR A 352 -2.79 -2.65 -8.62
N ILE A 353 -3.87 -3.43 -8.78
CA ILE A 353 -4.30 -3.92 -10.09
C ILE A 353 -5.75 -3.52 -10.36
N LEU A 354 -6.03 -3.18 -11.62
CA LEU A 354 -7.37 -2.81 -12.07
C LEU A 354 -7.91 -3.96 -12.91
N LEU A 355 -9.07 -4.48 -12.52
CA LEU A 355 -9.71 -5.53 -13.29
C LEU A 355 -10.64 -4.89 -14.32
N ARG A 356 -10.03 -4.33 -15.37
CA ARG A 356 -10.78 -3.62 -16.40
C ARG A 356 -11.57 -4.63 -17.24
N PRO A 357 -12.67 -4.18 -17.89
CA PRO A 357 -13.44 -5.10 -18.72
C PRO A 357 -12.58 -5.79 -19.80
N THR A 358 -11.58 -5.10 -20.34
CA THR A 358 -10.80 -5.62 -21.46
C THR A 358 -9.52 -6.36 -21.09
N CYS A 359 -8.94 -6.04 -19.93
CA CYS A 359 -7.66 -6.63 -19.51
C CYS A 359 -7.39 -6.35 -18.03
N LYS A 360 -6.33 -6.97 -17.52
CA LYS A 360 -5.84 -6.73 -16.15
C LYS A 360 -4.68 -5.75 -16.23
N GLU A 361 -4.76 -4.63 -15.50
CA GLU A 361 -3.71 -3.62 -15.55
C GLU A 361 -3.03 -3.51 -14.18
N VAL A 362 -1.73 -3.80 -14.14
CA VAL A 362 -0.92 -3.63 -12.93
C VAL A 362 -0.53 -2.17 -12.98
N VAL A 363 -1.41 -1.33 -12.46
CA VAL A 363 -1.34 0.10 -12.73
C VAL A 363 -0.10 0.73 -12.09
N SER A 364 0.34 0.14 -10.98
CA SER A 364 1.50 0.63 -10.24
C SER A 364 2.84 -0.02 -10.63
N ARG A 365 2.84 -0.89 -11.63
CA ARG A 365 4.09 -1.49 -12.11
C ARG A 365 5.07 -0.43 -12.58
N GLY A 366 6.36 -0.63 -12.29
CA GLY A 366 7.41 0.23 -12.82
C GLY A 366 8.56 -0.59 -13.38
N ASP A 367 9.64 0.08 -13.76
CA ASP A 367 10.87 -0.56 -14.24
C ASP A 367 11.65 -1.17 -13.08
N ASP A 368 11.26 -0.78 -11.88
CA ASP A 368 11.91 -1.22 -10.65
C ASP A 368 11.33 -2.53 -10.11
N TYR A 369 10.02 -2.59 -9.95
CA TYR A 369 9.35 -3.82 -9.50
C TYR A 369 7.91 -3.79 -9.94
MN MN B . -2.54 -3.08 1.11
MN MN C . 0.17 -1.13 1.42
C1 GOL D . 24.76 1.84 2.06
O1 GOL D . 24.72 1.32 0.72
C2 GOL D . 25.67 0.97 2.94
O2 GOL D . 26.31 -0.03 2.13
C3 GOL D . 26.73 1.84 3.59
O3 GOL D . 28.02 1.30 3.29
S DMS E . -4.28 5.97 21.47
S DMS E . -4.13 5.93 21.90
O DMS E . -3.94 5.07 20.34
O DMS E . -5.35 5.12 22.17
C1 DMS E . -5.26 7.25 20.90
C1 DMS E . -4.57 7.55 21.58
C2 DMS E . -5.38 5.17 22.49
C2 DMS E . -3.25 6.15 23.36
C4 6KO F . -9.02 -1.75 7.53
C5 6KO F . -8.14 -2.80 7.72
C6 6KO F . -8.59 -4.10 7.80
C8 6KO F . -8.26 -6.33 7.48
C13 6KO F . -4.92 0.47 6.80
C15 6KO F . -4.14 2.05 8.43
C20 6KO F . -0.85 0.63 4.08
C22 6KO F . -2.49 -0.91 3.49
C24 6KO F . -4.29 -2.10 3.54
C9 6KO F . -6.69 -2.50 7.84
O10 6KO F . -5.85 -3.27 8.31
O11 6KO F . -6.50 -1.23 7.38
C12 6KO F . -5.12 -0.87 7.48
C14 6KO F . -5.39 1.52 7.76
C16 6KO F . -3.06 1.92 7.39
N17 6KO F . -3.50 0.74 6.67
C18 6KO F . -2.76 0.41 5.52
C19 6KO F . -1.55 1.00 5.21
N21 6KO F . -1.22 -0.29 3.18
N23 6KO F . -3.15 -1.86 2.81
N25 6KO F . -4.36 -1.35 4.60
N26 6KO F . -3.22 -0.61 4.56
C1 6KO F . -9.94 -4.34 7.69
C2 6KO F . -10.83 -3.30 7.48
C3 6KO F . -10.36 -2.01 7.41
O7 6KO F . -7.68 -5.13 8.01
#